data_7SLP
#
_entry.id   7SLP
#
_cell.length_a   1.00
_cell.length_b   1.00
_cell.length_c   1.00
_cell.angle_alpha   90.00
_cell.angle_beta   90.00
_cell.angle_gamma   90.00
#
_symmetry.space_group_name_H-M   'P 1'
#
loop_
_entity.id
_entity.type
_entity.pdbx_description
1 polymer '7SK snRNA methylphosphate capping enzyme'
2 polymer 'La-related protein 7'
3 polymer 'Linear 7SK RNA'
4 non-polymer S-ADENOSYL-L-HOMOCYSTEINE
#
loop_
_entity_poly.entity_id
_entity_poly.type
_entity_poly.pdbx_seq_one_letter_code
_entity_poly.pdbx_strand_id
1 'polypeptide(L)'
;MGSSHHHHHHSSGLVPRGSPLPAAGFKKQQRKFQYGNYCKYYGYRNPSCEDGRLRVLKPEWFRGRDVLDLGCNVGHLTLS
IACKWGPSRMVGLDIDSRLIHSARQNIRHYLSEELRLPPQTLEGDPGAEGEEGTTTVRKRSCFPASLTASRGPIAAPQVP
LDGADTSVFPNNVVFVTGNYVLDRDDLVEAQTPEYDVVLCLSLTKWVHLNWGDEGLKRMFRRIYRHLRPGGILVLEPQPW
SSYGKRKTLTETIYKNYYRIQLKPEQFSSYLTSPDVGFSSYELVATPHNTSKGFQRPVYLFHKARSPSH
;
A
2 'polypeptide(L)'
;GMETESGNQEKVMEEESTEKKKEVEKKKRSRVKQVLADIAKQVDFWFGDANLHKDRFLREQIEKSRDGYVDISLLVSFNK
MKKLTTDGKLIARALRSSAVVELDLEGTRIRRKKPLGERPKDEDERTVYVELLPKNVNHSWIERVFGKCGNVVYISIPHY
KSTGDPKGFAFVEFETKEQAAKAIEFLNNPPEEAPRKPGIFPKTVKNKPIPALRVVEEKKKKKKKKGRMKKEDNIQAKEE
NMDTSNTSISKMKRSRPTSEGSDIESTGEEVIPLRVLSKSEWMDLKKEYLALQKASMASLKKTISQIKSESEMETDSGVP
QNTGMKNEKTANREECRTQEKVNATGPQFVSGVIVKIISTEPLPGRKQVRDTLAAISEVLYVDLLEGDTECHARFKTPED
AQAVINAYTEINKKHCWKLEILSGDHEQRYWQKILVDRQAKLNQPREKKRGTEKLITKAEKIRLAKTQQASKHIRFSEYD
;
B
3 'polyribonucleotide'
;(G5J)GAUGUGAGGGCGACUUCGGUCCUCCCUCACCGCUCCAUGUGCGAAAUGAGGCGCUGCAUGUGGCAGUCUGCCUUU
CUUUU
;
R
#
loop_
_chem_comp.id
_chem_comp.type
_chem_comp.name
_chem_comp.formula
A RNA linking ADENOSINE-5'-MONOPHOSPHATE 'C10 H14 N5 O7 P'
C RNA linking CYTIDINE-5'-MONOPHOSPHATE 'C9 H14 N3 O8 P'
G RNA linking GUANOSINE-5'-MONOPHOSPHATE 'C10 H14 N5 O8 P'
G5J non-polymer 5'-O-[(S)-hydroxy{[(R)-hydroxy{[(S)-hydroxy(methoxy)phosphoryl]oxy}phosphoryl]oxy}phosphoryl]guanosine 'C11 H18 N5 O14 P3'
SAH non-polymer S-ADENOSYL-L-HOMOCYSTEINE 'C14 H20 N6 O5 S'
U RNA linking URIDINE-5'-MONOPHOSPHATE 'C9 H13 N2 O9 P'
#
# COMPACT_ATOMS: atom_id res chain seq x y z
N GLN A 34 9.93 -4.17 -9.44
CA GLN A 34 10.50 -4.84 -10.60
C GLN A 34 9.50 -5.68 -11.37
N TYR A 35 8.26 -5.72 -10.88
CA TYR A 35 7.15 -6.16 -11.70
C TYR A 35 6.61 -5.03 -12.56
N GLY A 36 7.11 -3.81 -12.35
CA GLY A 36 6.65 -2.65 -13.09
C GLY A 36 5.33 -2.10 -12.64
N ASN A 37 4.80 -2.58 -11.51
CA ASN A 37 3.51 -2.16 -11.04
C ASN A 37 3.57 -0.79 -10.38
N TYR A 38 2.54 0.01 -10.63
CA TYR A 38 2.44 1.36 -10.09
C TYR A 38 1.07 1.54 -9.45
N CYS A 39 1.06 2.22 -8.30
CA CYS A 39 -0.16 2.56 -7.60
C CYS A 39 -0.88 3.75 -8.21
N LYS A 40 -0.22 4.45 -9.14
CA LYS A 40 -0.74 5.66 -9.77
C LYS A 40 -1.84 5.33 -10.77
N TYR A 41 -2.41 6.40 -11.34
CA TYR A 41 -3.54 6.40 -12.28
C TYR A 41 -4.75 5.71 -11.64
N TYR A 42 -4.93 5.96 -10.35
CA TYR A 42 -6.02 5.37 -9.60
C TYR A 42 -7.34 6.04 -9.98
N GLY A 43 -8.41 5.25 -10.04
CA GLY A 43 -9.73 5.76 -10.31
C GLY A 43 -10.50 6.08 -9.04
N TYR A 44 -10.47 7.34 -8.65
CA TYR A 44 -11.42 7.91 -7.72
C TYR A 44 -12.79 8.07 -8.35
N ARG A 45 -12.83 8.20 -9.67
CA ARG A 45 -14.04 8.55 -10.39
C ARG A 45 -14.97 7.37 -10.49
N ASN A 46 -16.24 7.62 -10.17
CA ASN A 46 -17.34 6.70 -10.39
C ASN A 46 -17.46 6.43 -11.89
N PRO A 47 -17.73 5.18 -12.30
CA PRO A 47 -17.27 4.72 -13.64
C PRO A 47 -17.99 5.24 -14.88
N SER A 48 -18.45 6.49 -14.90
CA SER A 48 -18.89 7.07 -16.16
C SER A 48 -17.70 7.50 -17.01
N CYS A 49 -16.84 8.36 -16.47
CA CYS A 49 -15.59 8.74 -17.11
C CYS A 49 -14.60 7.61 -16.92
N GLU A 50 -13.90 7.23 -17.98
CA GLU A 50 -13.26 5.93 -18.03
C GLU A 50 -11.82 6.06 -18.52
N ASP A 51 -11.10 4.94 -18.45
CA ASP A 51 -9.71 4.92 -18.94
C ASP A 51 -9.65 4.99 -20.45
N GLY A 52 -10.48 4.23 -21.13
CA GLY A 52 -10.52 4.24 -22.58
C GLY A 52 -10.15 2.94 -23.23
N ARG A 53 -9.55 2.01 -22.49
CA ARG A 53 -9.33 0.67 -23.00
C ARG A 53 -10.65 -0.06 -23.15
N LEU A 54 -11.59 0.20 -22.23
CA LEU A 54 -12.89 -0.46 -22.29
C LEU A 54 -13.84 0.24 -23.26
N ARG A 55 -13.45 1.41 -23.77
CA ARG A 55 -14.14 1.96 -24.92
C ARG A 55 -13.93 1.12 -26.16
N VAL A 56 -12.79 0.43 -26.26
CA VAL A 56 -12.49 -0.37 -27.43
C VAL A 56 -13.30 -1.66 -27.43
N LEU A 57 -13.57 -2.20 -26.24
CA LEU A 57 -14.10 -3.54 -26.11
C LEU A 57 -15.59 -3.58 -26.42
N LYS A 58 -16.04 -4.71 -26.96
CA LYS A 58 -17.36 -4.84 -27.53
C LYS A 58 -18.27 -5.55 -26.55
N PRO A 59 -19.53 -5.13 -26.42
CA PRO A 59 -20.33 -5.52 -25.24
C PRO A 59 -20.86 -6.93 -25.26
N GLU A 60 -20.79 -7.64 -26.39
CA GLU A 60 -21.67 -8.79 -26.65
C GLU A 60 -21.32 -10.00 -25.80
N TRP A 61 -20.04 -10.22 -25.51
CA TRP A 61 -19.63 -11.40 -24.77
C TRP A 61 -19.89 -11.27 -23.28
N PHE A 62 -20.02 -10.05 -22.79
CA PHE A 62 -19.78 -9.79 -21.38
C PHE A 62 -21.03 -9.99 -20.55
N ARG A 63 -22.17 -10.12 -21.21
CA ARG A 63 -23.43 -10.17 -20.48
C ARG A 63 -23.67 -11.53 -19.86
N GLY A 64 -23.62 -11.56 -18.52
CA GLY A 64 -23.94 -12.74 -17.73
C GLY A 64 -22.99 -13.90 -17.92
N ARG A 65 -21.70 -13.63 -17.89
CA ARG A 65 -20.73 -14.67 -18.20
C ARG A 65 -19.63 -14.63 -17.16
N ASP A 66 -19.13 -15.81 -16.79
CA ASP A 66 -18.11 -15.88 -15.77
C ASP A 66 -16.74 -15.49 -16.33
N VAL A 67 -16.10 -14.54 -15.65
CA VAL A 67 -14.90 -13.89 -16.17
C VAL A 67 -13.75 -14.08 -15.18
N LEU A 68 -12.65 -14.62 -15.67
CA LEU A 68 -11.39 -14.53 -14.96
C LEU A 68 -10.50 -13.49 -15.62
N ASP A 69 -9.92 -12.60 -14.82
CA ASP A 69 -9.17 -11.48 -15.37
C ASP A 69 -7.87 -11.37 -14.58
N LEU A 70 -6.76 -11.40 -15.31
CA LEU A 70 -5.48 -11.33 -14.64
C LEU A 70 -4.89 -9.94 -14.70
N GLY A 71 -4.04 -9.67 -13.70
CA GLY A 71 -3.15 -8.53 -13.76
C GLY A 71 -3.79 -7.18 -13.61
N CYS A 72 -4.67 -6.99 -12.65
CA CYS A 72 -5.41 -5.75 -12.53
C CYS A 72 -5.25 -5.24 -11.10
N ASN A 73 -4.21 -4.44 -10.88
CA ASN A 73 -3.74 -4.17 -9.52
C ASN A 73 -4.60 -3.14 -8.81
N VAL A 74 -4.94 -2.04 -9.49
CA VAL A 74 -5.82 -1.06 -8.87
C VAL A 74 -7.26 -1.41 -9.05
N GLY A 75 -7.57 -2.38 -9.89
CA GLY A 75 -8.93 -2.82 -10.11
C GLY A 75 -9.86 -1.85 -10.81
N HIS A 76 -9.33 -0.74 -11.32
CA HIS A 76 -10.20 0.27 -11.85
C HIS A 76 -10.75 -0.13 -13.21
N LEU A 77 -9.99 -0.91 -13.97
CA LEU A 77 -10.54 -1.42 -15.22
C LEU A 77 -11.51 -2.55 -14.94
N THR A 78 -11.26 -3.30 -13.87
CA THR A 78 -12.10 -4.41 -13.49
C THR A 78 -13.50 -3.94 -13.10
N LEU A 79 -13.53 -2.96 -12.18
CA LEU A 79 -14.77 -2.47 -11.61
C LEU A 79 -15.61 -1.74 -12.65
N SER A 80 -14.95 -1.08 -13.60
CA SER A 80 -15.65 -0.38 -14.65
C SER A 80 -16.29 -1.33 -15.64
N ILE A 81 -15.73 -2.52 -15.81
CA ILE A 81 -16.40 -3.55 -16.57
C ILE A 81 -17.59 -4.07 -15.79
N ALA A 82 -17.41 -4.26 -14.47
CA ALA A 82 -18.44 -4.85 -13.63
C ALA A 82 -19.66 -3.94 -13.47
N CYS A 83 -19.47 -2.63 -13.55
CA CYS A 83 -20.62 -1.74 -13.45
C CYS A 83 -21.38 -1.65 -14.77
N LYS A 84 -20.68 -1.33 -15.85
CA LYS A 84 -21.34 -0.95 -17.08
C LYS A 84 -21.95 -2.14 -17.80
N TRP A 85 -21.22 -3.23 -17.90
CA TRP A 85 -21.83 -4.46 -18.36
C TRP A 85 -22.00 -5.41 -17.17
N GLY A 86 -22.77 -6.47 -17.37
CA GLY A 86 -23.08 -7.36 -16.29
C GLY A 86 -22.55 -8.76 -16.47
N PRO A 87 -21.45 -9.07 -15.81
CA PRO A 87 -21.03 -10.47 -15.71
C PRO A 87 -21.57 -11.09 -14.42
N SER A 88 -21.77 -12.42 -14.42
CA SER A 88 -22.27 -13.08 -13.22
C SER A 88 -21.21 -13.15 -12.13
N ARG A 89 -20.02 -13.62 -12.48
CA ARG A 89 -18.89 -13.66 -11.58
C ARG A 89 -17.67 -13.16 -12.33
N MET A 90 -16.92 -12.27 -11.70
CA MET A 90 -15.70 -11.73 -12.28
C MET A 90 -14.63 -11.69 -11.21
N VAL A 91 -13.49 -12.30 -11.49
CA VAL A 91 -12.45 -12.44 -10.48
C VAL A 91 -11.17 -11.88 -11.06
N GLY A 92 -10.65 -10.83 -10.45
CA GLY A 92 -9.33 -10.37 -10.80
C GLY A 92 -8.28 -11.10 -10.01
N LEU A 93 -7.07 -11.15 -10.55
CA LEU A 93 -5.99 -11.85 -9.86
C LEU A 93 -4.68 -11.14 -10.08
N ASP A 94 -3.92 -10.95 -9.01
CA ASP A 94 -2.62 -10.31 -9.02
C ASP A 94 -1.71 -11.03 -8.05
N ILE A 95 -0.43 -10.64 -8.03
CA ILE A 95 0.51 -11.32 -7.15
C ILE A 95 0.83 -10.50 -5.90
N ASP A 96 0.87 -9.18 -6.01
CA ASP A 96 1.38 -8.36 -4.92
C ASP A 96 0.27 -8.14 -3.89
N SER A 97 0.51 -8.59 -2.66
CA SER A 97 -0.45 -8.46 -1.56
C SER A 97 -0.73 -7.02 -1.18
N ARG A 98 0.21 -6.13 -1.43
CA ARG A 98 0.07 -4.71 -1.17
C ARG A 98 -0.77 -4.02 -2.24
N LEU A 99 -1.02 -4.68 -3.37
CA LEU A 99 -1.90 -4.13 -4.39
C LEU A 99 -3.32 -4.65 -4.30
N ILE A 100 -3.52 -5.85 -3.79
CA ILE A 100 -4.86 -6.39 -3.73
C ILE A 100 -5.62 -5.78 -2.55
N HIS A 101 -4.89 -5.37 -1.51
CA HIS A 101 -5.49 -4.67 -0.37
C HIS A 101 -6.02 -3.31 -0.81
N SER A 102 -5.29 -2.66 -1.71
CA SER A 102 -5.76 -1.38 -2.24
C SER A 102 -6.88 -1.55 -3.24
N ALA A 103 -6.93 -2.67 -3.96
CA ALA A 103 -8.06 -2.91 -4.86
C ALA A 103 -9.34 -3.21 -4.06
N ARG A 104 -9.21 -3.81 -2.89
CA ARG A 104 -10.36 -3.97 -2.01
C ARG A 104 -10.77 -2.64 -1.40
N GLN A 105 -9.81 -1.72 -1.22
CA GLN A 105 -10.20 -0.36 -0.86
C GLN A 105 -10.95 0.31 -2.00
N ASN A 106 -10.59 -0.02 -3.24
CA ASN A 106 -11.27 0.56 -4.38
C ASN A 106 -12.68 0.02 -4.53
N ILE A 107 -12.93 -1.22 -4.12
CA ILE A 107 -14.33 -1.66 -4.14
C ILE A 107 -15.07 -1.03 -2.96
N ARG A 108 -14.38 -0.71 -1.85
CA ARG A 108 -15.09 -0.08 -0.74
C ARG A 108 -15.42 1.37 -1.02
N HIS A 109 -14.70 2.00 -1.95
CA HIS A 109 -15.00 3.39 -2.28
C HIS A 109 -16.29 3.54 -3.08
N TYR A 110 -16.62 2.56 -3.92
CA TYR A 110 -17.86 2.67 -4.69
C TYR A 110 -19.06 2.25 -3.87
N LEU A 111 -18.81 1.65 -2.71
CA LEU A 111 -19.89 1.43 -1.75
C LEU A 111 -20.01 2.61 -0.79
N SER A 112 -18.89 3.29 -0.54
CA SER A 112 -18.93 4.53 0.23
C SER A 112 -19.37 5.71 -0.63
N GLU A 113 -19.54 5.47 -1.94
CA GLU A 113 -20.21 6.39 -2.86
C GLU A 113 -21.62 6.75 -2.38
N GLU A 114 -22.34 5.79 -1.82
CA GLU A 114 -23.62 6.06 -1.24
C GLU A 114 -23.51 6.22 0.27
N LYS A 139 -28.32 20.15 2.40
CA LYS A 139 -26.92 20.25 2.01
C LYS A 139 -26.21 18.90 2.09
N ARG A 140 -26.03 18.28 0.93
CA ARG A 140 -25.33 17.01 0.87
C ARG A 140 -23.82 17.26 1.02
N SER A 141 -23.12 16.28 1.58
CA SER A 141 -21.69 16.44 1.82
C SER A 141 -20.87 15.99 0.61
N CYS A 142 -19.73 16.66 0.41
CA CYS A 142 -18.78 16.30 -0.63
C CYS A 142 -17.58 15.54 -0.09
N PHE A 143 -17.34 15.71 1.22
CA PHE A 143 -16.31 15.04 2.06
C PHE A 143 -14.87 15.50 1.79
N PRO A 144 -14.14 15.97 2.82
CA PRO A 144 -12.76 16.42 2.64
C PRO A 144 -11.91 15.24 2.16
N ALA A 145 -11.08 15.47 1.15
CA ALA A 145 -10.22 14.40 0.57
C ALA A 145 -9.21 13.90 1.61
N SER A 146 -8.65 14.81 2.39
CA SER A 146 -7.63 14.46 3.41
C SER A 146 -8.22 13.53 4.48
N LEU A 147 -9.48 13.78 4.88
CA LEU A 147 -10.11 12.98 5.95
C LEU A 147 -10.20 11.50 5.53
N THR A 148 -10.63 11.23 4.30
CA THR A 148 -10.77 9.83 3.82
C THR A 148 -9.41 9.14 3.73
N ALA A 149 -8.39 9.87 3.24
CA ALA A 149 -7.03 9.32 3.05
C ALA A 149 -6.51 8.67 4.34
N SER A 150 -6.65 9.35 5.48
CA SER A 150 -6.12 8.82 6.72
C SER A 150 -7.09 7.93 7.44
N ARG A 151 -8.40 8.08 7.19
CA ARG A 151 -9.29 7.23 7.97
C ARG A 151 -9.70 5.97 7.24
N GLY A 152 -9.62 5.96 5.91
CA GLY A 152 -10.14 4.84 5.15
C GLY A 152 -11.58 5.14 4.80
N PRO A 153 -12.15 4.43 3.84
CA PRO A 153 -13.49 4.78 3.37
C PRO A 153 -14.56 4.33 4.34
N ILE A 154 -15.79 4.77 4.04
CA ILE A 154 -16.86 4.76 5.03
C ILE A 154 -17.38 3.35 5.23
N ALA A 155 -17.80 2.73 4.13
CA ALA A 155 -18.69 1.60 4.18
C ALA A 155 -17.99 0.32 4.59
N ALA A 156 -18.73 -0.67 4.77
CA ALA A 156 -18.22 -1.98 5.05
C ALA A 156 -17.99 -2.72 3.75
N PRO A 157 -17.19 -3.79 3.74
CA PRO A 157 -17.20 -4.69 2.59
C PRO A 157 -18.51 -5.48 2.56
N GLN A 158 -19.12 -5.55 1.39
CA GLN A 158 -20.38 -6.26 1.28
C GLN A 158 -20.17 -7.76 1.28
N VAL A 159 -20.14 -8.34 2.47
CA VAL A 159 -20.21 -9.79 2.58
C VAL A 159 -21.67 -10.17 2.38
N PRO A 160 -21.98 -11.13 1.52
CA PRO A 160 -23.38 -11.49 1.30
C PRO A 160 -23.92 -12.32 2.44
N LEU A 161 -25.23 -12.52 2.42
CA LEU A 161 -25.88 -13.46 3.31
C LEU A 161 -25.62 -14.89 2.86
N ASP A 162 -26.15 -15.85 3.62
CA ASP A 162 -26.21 -17.20 3.10
C ASP A 162 -27.42 -17.37 2.18
N GLY A 163 -28.56 -16.85 2.60
CA GLY A 163 -29.67 -16.71 1.67
C GLY A 163 -29.53 -15.41 0.90
N ALA A 164 -28.70 -15.39 -0.13
CA ALA A 164 -28.33 -14.15 -0.77
C ALA A 164 -28.56 -14.24 -2.26
N ASP A 165 -28.73 -13.08 -2.88
CA ASP A 165 -28.89 -12.96 -4.32
C ASP A 165 -27.65 -12.29 -4.89
N THR A 166 -27.04 -12.92 -5.87
CA THR A 166 -25.85 -12.40 -6.50
C THR A 166 -26.24 -11.58 -7.73
N SER A 167 -25.24 -11.32 -8.60
CA SER A 167 -25.37 -10.64 -9.90
C SER A 167 -25.89 -9.21 -9.77
N VAL A 168 -25.60 -8.55 -8.65
CA VAL A 168 -25.92 -7.15 -8.44
C VAL A 168 -24.61 -6.44 -8.12
N PHE A 169 -24.38 -5.32 -8.81
CA PHE A 169 -23.13 -4.52 -8.60
C PHE A 169 -23.01 -4.17 -7.11
N PRO A 170 -21.84 -4.45 -6.48
CA PRO A 170 -20.85 -5.36 -7.04
C PRO A 170 -20.79 -6.67 -6.25
N ASN A 171 -21.93 -7.26 -5.89
CA ASN A 171 -21.88 -8.50 -5.15
C ASN A 171 -21.17 -9.58 -5.91
N ASN A 172 -20.78 -9.31 -7.15
CA ASN A 172 -20.15 -10.33 -7.96
C ASN A 172 -18.65 -10.42 -7.72
N VAL A 173 -17.96 -9.28 -7.68
CA VAL A 173 -16.53 -9.32 -7.92
C VAL A 173 -15.77 -9.52 -6.63
N VAL A 174 -14.61 -10.15 -6.77
CA VAL A 174 -13.81 -10.68 -5.67
C VAL A 174 -12.37 -10.72 -6.16
N PHE A 175 -11.45 -10.27 -5.33
CA PHE A 175 -10.04 -10.26 -5.69
C PHE A 175 -9.32 -11.31 -4.86
N VAL A 176 -8.76 -12.31 -5.53
CA VAL A 176 -8.03 -13.39 -4.87
C VAL A 176 -6.55 -13.20 -5.15
N THR A 177 -5.71 -13.68 -4.25
CA THR A 177 -4.28 -13.46 -4.34
C THR A 177 -3.56 -14.78 -4.58
N GLY A 178 -2.65 -14.78 -5.54
CA GLY A 178 -1.85 -15.96 -5.80
C GLY A 178 -0.99 -15.79 -7.04
N ASN A 179 0.11 -16.51 -7.07
CA ASN A 179 0.89 -16.62 -8.28
C ASN A 179 0.16 -17.52 -9.24
N TYR A 180 0.29 -17.25 -10.53
CA TYR A 180 -0.53 -18.00 -11.47
C TYR A 180 0.14 -19.27 -11.94
N VAL A 181 1.45 -19.27 -12.09
CA VAL A 181 2.18 -20.38 -12.67
C VAL A 181 2.83 -21.17 -11.54
N LEU A 182 2.49 -22.46 -11.43
CA LEU A 182 2.97 -23.32 -10.36
C LEU A 182 4.29 -23.98 -10.67
N ASP A 183 4.85 -23.72 -11.85
CA ASP A 183 6.12 -24.18 -12.41
C ASP A 183 6.18 -25.69 -12.62
N ARG A 184 5.04 -26.39 -12.70
CA ARG A 184 5.06 -27.82 -12.94
C ARG A 184 3.97 -28.18 -13.93
N ASP A 185 4.36 -28.91 -14.98
CA ASP A 185 3.41 -29.27 -16.03
C ASP A 185 2.49 -30.39 -15.57
N ASP A 186 2.92 -31.18 -14.58
CA ASP A 186 2.02 -32.12 -13.92
C ASP A 186 0.94 -31.40 -13.11
N LEU A 187 1.25 -30.19 -12.64
CA LEU A 187 0.23 -29.36 -12.00
C LEU A 187 -0.57 -28.56 -13.02
N VAL A 188 -0.03 -28.38 -14.21
CA VAL A 188 -0.79 -27.79 -15.31
C VAL A 188 -1.88 -28.76 -15.76
N GLU A 189 -1.54 -30.05 -15.82
CA GLU A 189 -2.49 -31.08 -16.25
C GLU A 189 -3.63 -31.30 -15.26
N ALA A 190 -3.48 -30.87 -14.01
CA ALA A 190 -4.47 -31.13 -12.98
C ALA A 190 -5.65 -30.16 -12.99
N GLN A 191 -5.70 -29.22 -13.92
CA GLN A 191 -6.70 -28.17 -13.78
C GLN A 191 -8.00 -28.53 -14.51
N THR A 192 -9.04 -27.80 -14.14
CA THR A 192 -10.41 -27.98 -14.53
C THR A 192 -11.01 -26.66 -14.98
N PRO A 193 -11.94 -26.68 -15.94
CA PRO A 193 -12.53 -25.41 -16.40
C PRO A 193 -13.68 -24.86 -15.59
N GLU A 194 -13.62 -23.56 -15.29
CA GLU A 194 -14.71 -22.92 -14.51
C GLU A 194 -15.06 -21.50 -14.99
N TYR A 195 -14.63 -21.12 -16.20
CA TYR A 195 -14.87 -19.76 -16.64
C TYR A 195 -15.34 -19.71 -18.08
N ASP A 196 -15.85 -18.56 -18.48
CA ASP A 196 -16.30 -18.32 -19.85
C ASP A 196 -15.50 -17.25 -20.57
N VAL A 197 -15.14 -16.16 -19.91
CA VAL A 197 -14.42 -15.10 -20.58
C VAL A 197 -13.20 -14.80 -19.74
N VAL A 198 -12.03 -14.95 -20.35
CA VAL A 198 -10.76 -14.67 -19.68
C VAL A 198 -10.16 -13.45 -20.33
N LEU A 199 -9.83 -12.48 -19.52
CA LEU A 199 -9.27 -11.24 -19.98
C LEU A 199 -7.90 -11.06 -19.36
N CYS A 200 -6.98 -10.58 -20.17
CA CYS A 200 -5.59 -10.50 -19.81
C CYS A 200 -4.98 -9.38 -20.63
N LEU A 201 -4.66 -8.27 -19.98
CA LEU A 201 -3.97 -7.17 -20.62
C LEU A 201 -2.70 -6.89 -19.84
N SER A 202 -1.61 -6.68 -20.57
CA SER A 202 -0.32 -6.22 -20.05
C SER A 202 0.28 -7.19 -19.04
N LEU A 203 0.13 -8.48 -19.31
CA LEU A 203 0.73 -9.49 -18.47
C LEU A 203 1.84 -10.23 -19.19
N THR A 204 1.82 -10.24 -20.52
CA THR A 204 2.75 -11.00 -21.35
C THR A 204 4.18 -10.51 -21.18
N LYS A 205 4.32 -9.20 -20.96
CA LYS A 205 5.60 -8.53 -20.79
C LYS A 205 6.34 -9.04 -19.56
N TRP A 206 5.72 -8.95 -18.39
CA TRP A 206 6.42 -9.26 -17.16
C TRP A 206 6.56 -10.75 -16.94
N VAL A 207 5.55 -11.53 -17.35
CA VAL A 207 5.61 -12.97 -17.24
C VAL A 207 6.65 -13.53 -18.20
N HIS A 208 6.74 -12.91 -19.39
CA HIS A 208 7.77 -13.20 -20.39
C HIS A 208 9.16 -12.99 -19.82
N LEU A 209 9.41 -11.79 -19.28
CA LEU A 209 10.73 -11.41 -18.83
C LEU A 209 11.10 -12.08 -17.51
N ASN A 210 10.10 -12.50 -16.74
CA ASN A 210 10.41 -13.04 -15.43
C ASN A 210 10.47 -14.56 -15.45
N TRP A 211 9.69 -15.20 -16.32
CA TRP A 211 9.65 -16.65 -16.32
C TRP A 211 10.03 -17.26 -17.66
N GLY A 212 10.71 -16.50 -18.52
CA GLY A 212 11.26 -17.08 -19.72
C GLY A 212 10.18 -17.33 -20.75
N ASP A 213 10.46 -18.32 -21.59
CA ASP A 213 9.39 -18.87 -22.41
C ASP A 213 8.63 -19.94 -21.65
N GLU A 214 9.29 -20.58 -20.68
CA GLU A 214 8.76 -21.79 -20.04
C GLU A 214 7.56 -21.51 -19.14
N GLY A 215 7.62 -20.45 -18.34
CA GLY A 215 6.47 -20.10 -17.52
C GLY A 215 5.35 -19.52 -18.36
N LEU A 216 5.68 -18.88 -19.48
CA LEU A 216 4.66 -18.39 -20.40
C LEU A 216 3.93 -19.54 -21.09
N LYS A 217 4.66 -20.63 -21.37
CA LYS A 217 4.04 -21.80 -21.95
C LYS A 217 3.13 -22.50 -20.93
N ARG A 218 3.54 -22.52 -19.65
CA ARG A 218 2.66 -23.02 -18.61
C ARG A 218 1.44 -22.12 -18.40
N MET A 219 1.61 -20.80 -18.60
CA MET A 219 0.49 -19.88 -18.44
C MET A 219 -0.54 -20.03 -19.55
N PHE A 220 -0.08 -20.18 -20.79
CA PHE A 220 -0.96 -20.47 -21.92
C PHE A 220 -1.65 -21.81 -21.77
N ARG A 221 -0.93 -22.81 -21.27
CA ARG A 221 -1.55 -24.12 -21.08
C ARG A 221 -2.54 -24.10 -19.91
N ARG A 222 -2.27 -23.29 -18.89
CA ARG A 222 -3.18 -23.22 -17.75
C ARG A 222 -4.43 -22.44 -18.07
N ILE A 223 -4.33 -21.38 -18.87
CA ILE A 223 -5.53 -20.67 -19.26
C ILE A 223 -6.33 -21.47 -20.30
N TYR A 224 -5.68 -22.34 -21.06
CA TYR A 224 -6.49 -23.27 -21.86
C TYR A 224 -7.11 -24.34 -20.97
N ARG A 225 -6.49 -24.67 -19.85
CA ARG A 225 -7.10 -25.61 -18.92
C ARG A 225 -8.22 -24.99 -18.09
N HIS A 226 -8.30 -23.66 -18.01
CA HIS A 226 -9.40 -23.03 -17.26
C HIS A 226 -10.59 -22.63 -18.11
N LEU A 227 -10.49 -22.62 -19.43
CA LEU A 227 -11.65 -22.28 -20.24
C LEU A 227 -12.60 -23.45 -20.35
N ARG A 228 -13.87 -23.17 -20.15
CA ARG A 228 -14.91 -24.06 -20.61
C ARG A 228 -14.99 -23.98 -22.14
N PRO A 229 -15.39 -25.07 -22.80
CA PRO A 229 -15.50 -25.03 -24.27
C PRO A 229 -16.63 -24.13 -24.74
N GLY A 230 -16.36 -23.37 -25.79
CA GLY A 230 -17.16 -22.21 -26.10
C GLY A 230 -16.69 -20.95 -25.42
N GLY A 231 -15.70 -21.05 -24.54
CA GLY A 231 -15.22 -19.89 -23.82
C GLY A 231 -14.24 -19.08 -24.63
N ILE A 232 -14.13 -17.80 -24.28
CA ILE A 232 -13.42 -16.82 -25.08
C ILE A 232 -12.28 -16.26 -24.24
N LEU A 233 -11.09 -16.19 -24.84
CA LEU A 233 -9.99 -15.46 -24.24
C LEU A 233 -9.71 -14.25 -25.12
N VAL A 234 -9.58 -13.09 -24.49
CA VAL A 234 -9.26 -11.87 -25.23
C VAL A 234 -7.91 -11.37 -24.73
N LEU A 235 -7.09 -10.86 -25.64
CA LEU A 235 -5.75 -10.42 -25.30
C LEU A 235 -5.38 -9.16 -26.07
N GLU A 236 -4.64 -8.29 -25.42
CA GLU A 236 -3.98 -7.16 -26.09
C GLU A 236 -2.53 -7.16 -25.65
N PRO A 237 -1.70 -8.03 -26.23
CA PRO A 237 -0.36 -8.22 -25.70
C PRO A 237 0.60 -7.11 -26.14
N GLN A 238 1.72 -7.06 -25.45
CA GLN A 238 2.73 -6.06 -25.75
C GLN A 238 3.46 -6.39 -27.04
N PRO A 239 3.78 -5.40 -27.86
CA PRO A 239 4.70 -5.61 -28.99
C PRO A 239 6.13 -5.78 -28.51
N TRP A 240 7.00 -6.20 -29.45
CA TRP A 240 8.39 -6.46 -29.09
C TRP A 240 9.18 -5.18 -28.81
N SER A 241 8.62 -4.06 -29.30
CA SER A 241 9.11 -2.66 -29.23
C SER A 241 10.22 -2.38 -28.19
N SER A 242 9.85 -2.18 -26.92
CA SER A 242 10.81 -1.74 -25.87
C SER A 242 11.11 -2.81 -24.81
N TYR A 243 11.21 -4.08 -25.20
CA TYR A 243 11.48 -5.15 -24.20
C TYR A 243 12.81 -4.90 -23.48
N GLY A 244 13.85 -4.50 -24.22
CA GLY A 244 15.20 -4.27 -23.67
C GLY A 244 15.27 -3.14 -22.64
N LYS A 245 14.56 -2.05 -22.89
CA LYS A 245 14.53 -0.79 -22.08
C LYS A 245 14.73 -1.03 -20.57
N ARG A 246 14.32 -2.19 -20.05
CA ARG A 246 14.43 -2.51 -18.64
C ARG A 246 14.81 -3.97 -18.43
N LYS A 247 16.10 -4.32 -18.53
CA LYS A 247 16.52 -5.70 -18.28
C LYS A 247 17.34 -5.87 -17.01
N THR A 248 17.75 -4.78 -16.37
CA THR A 248 18.70 -4.84 -15.28
C THR A 248 18.07 -4.72 -13.91
N LEU A 249 16.78 -5.03 -13.77
CA LEU A 249 16.19 -5.06 -12.45
C LEU A 249 16.74 -6.22 -11.63
N THR A 250 16.98 -7.37 -12.27
CA THR A 250 17.94 -8.34 -11.76
C THR A 250 18.93 -8.67 -12.86
N GLU A 251 19.87 -9.55 -12.53
CA GLU A 251 20.65 -10.26 -13.54
C GLU A 251 19.83 -11.38 -14.17
N THR A 252 18.92 -11.96 -13.38
CA THR A 252 18.05 -13.04 -13.87
C THR A 252 17.06 -12.53 -14.91
N ILE A 253 16.63 -11.27 -14.77
CA ILE A 253 15.74 -10.66 -15.75
C ILE A 253 16.44 -10.51 -17.11
N TYR A 254 17.73 -10.11 -17.08
CA TYR A 254 18.50 -10.04 -18.33
C TYR A 254 18.82 -11.42 -18.89
N LYS A 255 19.09 -12.39 -18.01
CA LYS A 255 19.38 -13.77 -18.42
C LYS A 255 18.15 -14.46 -19.02
N ASN A 256 16.96 -13.99 -18.67
CA ASN A 256 15.78 -14.46 -19.38
C ASN A 256 15.40 -13.60 -20.60
N TYR A 257 15.80 -12.32 -20.63
CA TYR A 257 15.53 -11.50 -21.82
C TYR A 257 16.38 -11.92 -22.99
N TYR A 258 17.58 -12.42 -22.74
CA TYR A 258 18.32 -12.98 -23.85
C TYR A 258 18.01 -14.45 -24.08
N ARG A 259 17.19 -15.06 -23.22
CA ARG A 259 16.74 -16.44 -23.40
C ARG A 259 15.40 -16.53 -24.10
N ILE A 260 14.95 -15.45 -24.75
CA ILE A 260 13.64 -15.42 -25.37
C ILE A 260 13.62 -16.22 -26.66
N GLN A 261 12.79 -17.27 -26.70
CA GLN A 261 12.71 -18.15 -27.84
C GLN A 261 11.35 -18.11 -28.51
N LEU A 262 10.57 -17.06 -28.30
CA LEU A 262 9.34 -16.87 -29.03
C LEU A 262 9.04 -15.38 -29.17
N LYS A 263 8.59 -14.99 -30.34
CA LYS A 263 8.34 -13.59 -30.64
C LYS A 263 6.86 -13.29 -30.49
N PRO A 264 6.48 -12.02 -30.30
CA PRO A 264 5.05 -11.67 -30.24
C PRO A 264 4.29 -11.82 -31.54
N GLU A 265 4.98 -11.82 -32.69
CA GLU A 265 4.31 -12.23 -33.93
C GLU A 265 4.04 -13.73 -33.91
N GLN A 266 4.92 -14.50 -33.27
CA GLN A 266 4.76 -15.93 -33.06
C GLN A 266 3.91 -16.27 -31.83
N PHE A 267 3.31 -15.27 -31.17
CA PHE A 267 2.33 -15.55 -30.14
C PHE A 267 1.11 -16.23 -30.72
N SER A 268 0.59 -15.66 -31.81
CA SER A 268 -0.67 -16.12 -32.40
C SER A 268 -0.49 -17.44 -33.12
N SER A 269 0.74 -17.77 -33.48
CA SER A 269 1.02 -19.10 -34.01
C SER A 269 1.04 -20.14 -32.88
N TYR A 270 1.66 -19.79 -31.75
CA TYR A 270 1.82 -20.73 -30.66
C TYR A 270 0.50 -21.01 -29.95
N LEU A 271 -0.40 -20.05 -29.95
CA LEU A 271 -1.73 -20.30 -29.43
C LEU A 271 -2.55 -21.20 -30.33
N THR A 272 -2.29 -21.18 -31.62
CA THR A 272 -2.88 -22.15 -32.53
C THR A 272 -2.11 -23.46 -32.56
N SER A 273 -0.93 -23.53 -31.94
CA SER A 273 -0.21 -24.78 -31.84
C SER A 273 -0.89 -25.72 -30.83
N PRO A 274 -0.94 -27.02 -31.14
CA PRO A 274 -1.72 -27.95 -30.31
C PRO A 274 -1.09 -28.32 -28.97
N ASP A 275 0.09 -27.79 -28.63
CA ASP A 275 0.55 -27.87 -27.25
C ASP A 275 -0.30 -26.99 -26.35
N VAL A 276 -0.86 -25.90 -26.88
CA VAL A 276 -1.89 -25.15 -26.19
C VAL A 276 -3.23 -25.55 -26.80
N GLY A 277 -3.44 -25.23 -28.07
CA GLY A 277 -4.51 -25.82 -28.83
C GLY A 277 -5.78 -25.02 -29.01
N PHE A 278 -5.69 -23.71 -29.23
CA PHE A 278 -6.89 -22.90 -29.40
C PHE A 278 -7.53 -23.16 -30.76
N SER A 279 -8.85 -22.93 -30.82
CA SER A 279 -9.60 -23.35 -32.00
C SER A 279 -9.52 -22.34 -33.15
N SER A 280 -10.03 -21.12 -32.96
CA SER A 280 -10.00 -20.15 -34.04
C SER A 280 -9.80 -18.77 -33.43
N TYR A 281 -9.17 -17.89 -34.20
CA TYR A 281 -8.81 -16.61 -33.63
C TYR A 281 -8.98 -15.52 -34.69
N GLU A 282 -9.08 -14.29 -34.21
CA GLU A 282 -9.33 -13.16 -35.09
C GLU A 282 -8.85 -11.88 -34.42
N LEU A 283 -8.84 -10.78 -35.19
CA LEU A 283 -8.36 -9.48 -34.64
C LEU A 283 -9.23 -8.34 -35.15
N VAL A 284 -10.14 -7.86 -34.29
CA VAL A 284 -11.04 -6.73 -34.64
C VAL A 284 -10.75 -5.59 -33.66
N ALA A 285 -10.07 -4.53 -34.12
CA ALA A 285 -9.75 -3.41 -33.27
C ALA A 285 -10.81 -2.32 -33.44
N ARG A 296 -1.57 -0.77 -30.20
CA ARG A 296 -1.37 -2.10 -29.66
C ARG A 296 -2.47 -3.03 -30.18
N PRO A 297 -2.14 -4.31 -30.42
CA PRO A 297 -3.08 -5.18 -31.11
C PRO A 297 -4.22 -5.65 -30.20
N VAL A 298 -5.31 -6.07 -30.83
CA VAL A 298 -6.52 -6.51 -30.15
C VAL A 298 -6.90 -7.87 -30.71
N TYR A 299 -6.88 -8.90 -29.88
CA TYR A 299 -6.96 -10.27 -30.34
C TYR A 299 -8.00 -11.10 -29.61
N LEU A 300 -8.79 -11.85 -30.37
CA LEU A 300 -9.79 -12.77 -29.85
C LEU A 300 -9.33 -14.18 -30.15
N PHE A 301 -9.14 -15.00 -29.12
CA PHE A 301 -8.87 -16.42 -29.30
C PHE A 301 -10.05 -17.18 -28.73
N HIS A 302 -10.47 -18.23 -29.41
CA HIS A 302 -11.65 -18.98 -29.01
C HIS A 302 -11.27 -20.42 -28.77
N LYS A 303 -11.70 -20.97 -27.64
CA LYS A 303 -11.86 -22.41 -27.55
C LYS A 303 -13.09 -22.81 -28.34
N ALA A 304 -13.10 -24.05 -28.82
CA ALA A 304 -14.17 -24.54 -29.68
C ALA A 304 -15.48 -24.71 -28.91
N ARG A 305 -16.59 -24.76 -29.65
CA ARG A 305 -17.89 -24.91 -29.03
C ARG A 305 -18.10 -26.33 -28.53
N SER A 306 -18.44 -26.43 -27.24
CA SER A 306 -18.76 -27.66 -26.50
C SER A 306 -17.69 -28.75 -26.57
N SER B 30 19.90 46.95 1.00
CA SER B 30 21.07 46.09 1.15
C SER B 30 20.67 44.66 1.51
N ARG B 31 21.54 43.70 1.18
CA ARG B 31 21.29 42.30 1.50
C ARG B 31 21.45 42.04 2.98
N VAL B 32 22.31 42.80 3.64
CA VAL B 32 22.49 42.72 5.08
C VAL B 32 21.23 43.17 5.80
N LYS B 33 20.64 44.27 5.33
CA LYS B 33 19.36 44.78 5.86
C LYS B 33 18.22 43.79 5.62
N GLN B 34 18.23 43.13 4.46
CA GLN B 34 17.26 42.09 4.15
C GLN B 34 17.39 40.90 5.08
N VAL B 35 18.62 40.55 5.45
CA VAL B 35 18.85 39.46 6.39
C VAL B 35 18.41 39.87 7.80
N LEU B 36 18.62 41.15 8.17
CA LEU B 36 18.12 41.66 9.44
C LEU B 36 16.60 41.63 9.52
N ALA B 37 15.94 41.97 8.40
CA ALA B 37 14.48 41.94 8.34
C ALA B 37 13.95 40.51 8.40
N ASP B 38 14.67 39.57 7.79
CA ASP B 38 14.29 38.16 7.86
C ASP B 38 14.43 37.61 9.28
N ILE B 39 15.50 38.01 9.98
CA ILE B 39 15.73 37.54 11.34
C ILE B 39 14.68 38.10 12.29
N ALA B 40 14.35 39.39 12.11
CA ALA B 40 13.30 40.02 12.91
C ALA B 40 11.93 39.40 12.62
N LYS B 41 11.67 39.05 11.36
CA LYS B 41 10.42 38.43 10.96
C LYS B 41 10.26 37.04 11.56
N GLN B 42 11.31 36.23 11.49
CA GLN B 42 11.23 34.85 11.96
C GLN B 42 11.18 34.78 13.47
N VAL B 43 11.91 35.69 14.13
CA VAL B 43 11.94 35.66 15.59
C VAL B 43 10.64 36.22 16.16
N ASP B 44 10.09 37.25 15.51
CA ASP B 44 8.81 37.78 15.95
C ASP B 44 7.66 36.83 15.64
N PHE B 45 7.81 35.95 14.65
CA PHE B 45 6.84 34.87 14.54
C PHE B 45 7.07 33.83 15.64
N TRP B 46 8.32 33.53 15.93
CA TRP B 46 8.64 32.56 16.96
C TRP B 46 8.35 33.09 18.36
N PHE B 47 8.24 34.40 18.51
CA PHE B 47 7.62 34.95 19.70
C PHE B 47 6.21 35.45 19.44
N GLY B 48 5.61 35.03 18.32
CA GLY B 48 4.21 35.31 18.09
C GLY B 48 3.31 34.50 18.99
N ASP B 49 2.06 34.95 19.09
CA ASP B 49 1.14 34.37 20.08
C ASP B 49 0.66 32.99 19.67
N ALA B 50 0.39 32.80 18.38
CA ALA B 50 -0.19 31.56 17.89
C ALA B 50 0.82 30.42 17.96
N ASN B 51 2.03 30.69 17.48
CA ASN B 51 3.07 29.67 17.44
C ASN B 51 3.56 29.30 18.82
N LEU B 52 3.50 30.23 19.76
CA LEU B 52 3.77 29.87 21.13
C LEU B 52 2.63 29.09 21.74
N HIS B 53 1.39 29.33 21.28
CA HIS B 53 0.30 28.52 21.83
C HIS B 53 0.15 27.18 21.11
N LYS B 54 0.95 26.91 20.09
CA LYS B 54 0.96 25.56 19.53
C LYS B 54 2.16 24.74 20.03
N ASP B 55 3.36 25.31 19.96
CA ASP B 55 4.58 24.55 20.21
C ASP B 55 4.79 24.33 21.71
N ARG B 56 5.13 23.10 22.06
CA ARG B 56 5.51 22.75 23.41
C ARG B 56 6.87 23.33 23.81
N PHE B 57 7.85 23.24 22.92
CA PHE B 57 9.26 23.26 23.30
C PHE B 57 9.73 24.65 23.70
N LEU B 58 9.41 25.67 22.90
CA LEU B 58 9.84 27.04 23.18
C LEU B 58 9.17 27.60 24.42
N ARG B 59 7.96 27.14 24.69
CA ARG B 59 7.28 27.43 25.94
C ARG B 59 8.03 26.83 27.13
N GLU B 60 8.66 25.67 26.95
CA GLU B 60 9.43 25.10 28.04
C GLU B 60 10.77 25.79 28.18
N GLN B 61 11.30 26.33 27.08
CA GLN B 61 12.51 27.13 27.18
C GLN B 61 12.23 28.46 27.87
N ILE B 62 11.02 28.98 27.69
CA ILE B 62 10.58 30.16 28.42
C ILE B 62 10.40 29.84 29.90
N GLU B 63 9.72 28.74 30.19
CA GLU B 63 9.27 28.48 31.54
C GLU B 63 10.38 27.98 32.45
N LYS B 64 11.42 27.36 31.89
CA LYS B 64 12.54 26.90 32.69
C LYS B 64 13.65 27.95 32.71
N SER B 65 13.28 29.16 33.11
CA SER B 65 14.18 30.30 33.00
C SER B 65 13.92 31.30 34.11
N ARG B 66 14.87 32.21 34.26
CA ARG B 66 14.72 33.37 35.13
C ARG B 66 14.08 34.50 34.34
N ASP B 67 12.82 34.80 34.66
CA ASP B 67 11.96 35.80 34.01
C ASP B 67 11.76 35.58 32.52
N GLY B 68 11.80 34.33 32.06
CA GLY B 68 11.55 34.03 30.66
C GLY B 68 12.61 34.36 29.63
N TYR B 69 13.71 33.63 29.66
CA TYR B 69 14.85 33.97 28.82
C TYR B 69 15.43 32.72 28.19
N VAL B 70 16.19 32.93 27.11
CA VAL B 70 16.78 31.85 26.34
C VAL B 70 17.95 32.45 25.59
N ASP B 71 19.01 31.66 25.43
CA ASP B 71 20.17 32.15 24.71
C ASP B 71 19.85 32.26 23.22
N ILE B 72 20.48 33.24 22.59
CA ILE B 72 20.31 33.47 21.15
C ILE B 72 20.91 32.34 20.34
N SER B 73 22.02 31.77 20.82
CA SER B 73 22.67 30.67 20.13
C SER B 73 21.86 29.38 20.20
N LEU B 74 20.96 29.27 21.18
CA LEU B 74 19.96 28.20 21.14
C LEU B 74 19.03 28.38 19.95
N LEU B 75 18.68 29.62 19.63
CA LEU B 75 17.81 29.86 18.48
C LEU B 75 18.59 29.76 17.18
N VAL B 76 19.91 29.91 17.24
CA VAL B 76 20.77 29.77 16.07
C VAL B 76 20.76 28.32 15.58
N SER B 77 20.56 27.37 16.50
CA SER B 77 20.49 25.94 16.20
C SER B 77 19.28 25.53 15.37
N PHE B 78 18.31 26.40 15.13
CA PHE B 78 17.12 26.03 14.40
C PHE B 78 17.40 25.95 12.90
N ASN B 79 16.56 25.15 12.24
CA ASN B 79 16.86 24.72 10.87
C ASN B 79 16.63 25.84 9.87
N LYS B 80 15.64 26.69 10.11
CA LYS B 80 15.51 27.85 9.24
C LYS B 80 16.50 28.93 9.64
N MET B 81 16.92 28.96 10.91
CA MET B 81 17.91 29.94 11.34
C MET B 81 19.30 29.61 10.80
N LYS B 82 19.59 28.32 10.63
CA LYS B 82 20.85 27.92 10.02
C LYS B 82 20.89 28.22 8.52
N LYS B 83 19.72 28.38 7.90
CA LYS B 83 19.67 28.81 6.51
C LYS B 83 20.03 30.29 6.35
N LEU B 84 19.99 31.07 7.42
CA LEU B 84 20.37 32.47 7.35
C LEU B 84 21.70 32.76 8.02
N THR B 85 21.75 32.84 9.34
CA THR B 85 22.84 33.52 10.01
C THR B 85 23.27 32.74 11.23
N THR B 86 24.59 32.57 11.38
CA THR B 86 25.17 32.03 12.59
C THR B 86 25.81 33.11 13.46
N ASP B 87 25.90 34.34 12.97
CA ASP B 87 26.45 35.46 13.72
C ASP B 87 25.38 36.03 14.64
N GLY B 88 25.60 35.89 15.95
CA GLY B 88 24.63 36.41 16.91
C GLY B 88 24.65 37.91 17.05
N LYS B 89 25.77 38.55 16.68
CA LYS B 89 25.88 40.00 16.75
C LYS B 89 24.98 40.68 15.74
N LEU B 90 24.91 40.11 14.53
CA LEU B 90 23.99 40.60 13.50
C LEU B 90 22.54 40.34 13.88
N ILE B 91 22.31 39.28 14.65
CA ILE B 91 20.96 38.99 15.13
C ILE B 91 20.55 39.99 16.20
N ALA B 92 21.48 40.38 17.08
CA ALA B 92 21.19 41.40 18.08
C ALA B 92 21.04 42.78 17.45
N ARG B 93 21.71 43.01 16.32
CA ARG B 93 21.43 44.20 15.52
C ARG B 93 20.09 44.08 14.80
N ALA B 94 19.65 42.86 14.50
CA ALA B 94 18.40 42.68 13.78
C ALA B 94 17.18 42.86 14.67
N LEU B 95 17.36 42.82 15.98
CA LEU B 95 16.27 43.03 16.93
C LEU B 95 16.36 44.38 17.62
N ARG B 96 17.11 45.32 17.04
CA ARG B 96 17.06 46.69 17.53
C ARG B 96 15.76 47.37 17.11
N SER B 97 15.36 47.14 15.86
CA SER B 97 14.01 47.48 15.41
C SER B 97 13.16 46.23 15.55
N SER B 98 12.50 46.09 16.71
CA SER B 98 11.76 44.88 17.01
C SER B 98 10.56 45.24 17.87
N ALA B 99 9.43 44.60 17.58
CA ALA B 99 8.16 45.05 18.16
C ALA B 99 7.83 44.31 19.44
N VAL B 100 8.24 43.04 19.55
CA VAL B 100 7.72 42.13 20.55
C VAL B 100 8.89 41.27 21.03
N VAL B 101 10.12 41.77 20.85
CA VAL B 101 11.28 41.17 21.49
C VAL B 101 12.00 42.29 22.22
N GLU B 102 12.42 42.02 23.45
CA GLU B 102 13.40 42.86 24.12
C GLU B 102 14.59 42.00 24.48
N LEU B 103 15.75 42.61 24.44
CA LEU B 103 17.01 41.95 24.76
C LEU B 103 17.46 42.50 26.11
N ASP B 104 18.23 41.70 26.85
CA ASP B 104 18.57 42.09 28.22
C ASP B 104 19.70 43.12 28.23
N LEU B 105 20.96 42.68 28.27
CA LEU B 105 22.08 43.59 28.33
C LEU B 105 23.02 43.30 27.18
N GLU B 106 23.58 42.10 27.16
CA GLU B 106 24.70 41.76 26.28
C GLU B 106 24.28 41.49 24.85
N GLY B 107 22.99 41.35 24.57
CA GLY B 107 22.60 40.86 23.26
C GLY B 107 22.88 39.39 23.10
N THR B 108 22.72 38.62 24.16
CA THR B 108 22.87 37.17 24.11
C THR B 108 21.69 36.43 24.69
N ARG B 109 20.77 37.10 25.37
CA ARG B 109 19.51 36.51 25.74
C ARG B 109 18.40 37.44 25.33
N ILE B 110 17.22 36.86 25.10
CA ILE B 110 16.08 37.58 24.56
C ILE B 110 14.82 37.23 25.34
N ARG B 111 13.94 38.22 25.49
CA ARG B 111 12.65 38.05 26.21
C ARG B 111 11.50 38.11 25.21
N ARG B 112 10.27 37.87 25.68
CA ARG B 112 9.05 37.88 24.83
C ARG B 112 8.39 39.27 24.85
N LYS B 113 9.04 40.23 25.54
CA LYS B 113 8.58 41.64 25.68
C LYS B 113 7.26 41.69 26.46
N LYS B 114 6.20 41.02 25.95
CA LYS B 114 4.92 41.03 26.62
C LYS B 114 4.66 39.61 27.13
N PRO B 115 4.25 39.43 28.39
CA PRO B 115 4.18 38.08 28.96
C PRO B 115 3.02 37.28 28.40
N LEU B 116 3.19 35.97 28.40
CA LEU B 116 2.29 35.06 27.71
C LEU B 116 1.05 34.88 28.55
N GLY B 117 -0.11 35.20 27.98
CA GLY B 117 -1.36 35.03 28.69
C GLY B 117 -1.95 33.66 28.46
N GLU B 118 -3.28 33.58 28.43
CA GLU B 118 -3.95 32.32 28.23
C GLU B 118 -4.16 32.04 26.75
N ARG B 119 -4.43 30.78 26.44
CA ARG B 119 -4.75 30.43 25.06
C ARG B 119 -6.18 30.85 24.74
N PRO B 120 -6.37 31.61 23.66
CA PRO B 120 -7.74 31.99 23.28
C PRO B 120 -8.49 30.85 22.64
N LYS B 121 -9.82 30.97 22.64
CA LYS B 121 -10.70 29.98 22.04
C LYS B 121 -11.33 30.45 20.74
N ASP B 122 -11.20 31.74 20.40
CA ASP B 122 -11.78 32.25 19.17
C ASP B 122 -10.96 31.90 17.94
N GLU B 123 -9.74 31.41 18.14
CA GLU B 123 -8.87 31.00 17.04
C GLU B 123 -9.41 29.78 16.31
N ASP B 124 -10.16 28.93 17.02
CA ASP B 124 -10.90 27.84 16.39
C ASP B 124 -11.91 28.36 15.39
N GLU B 125 -12.59 29.45 15.73
CA GLU B 125 -13.48 30.08 14.78
C GLU B 125 -12.71 30.82 13.70
N ARG B 126 -11.52 31.31 14.03
CA ARG B 126 -10.78 32.14 13.10
C ARG B 126 -10.08 31.34 12.02
N THR B 127 -9.99 30.02 12.18
CA THR B 127 -9.17 29.18 11.32
C THR B 127 -9.80 28.91 9.97
N VAL B 128 -8.97 28.45 9.03
CA VAL B 128 -9.39 28.07 7.69
C VAL B 128 -8.68 26.77 7.32
N TYR B 129 -9.43 25.78 6.87
CA TYR B 129 -8.86 24.54 6.32
C TYR B 129 -8.83 24.67 4.82
N VAL B 130 -7.78 24.15 4.20
CA VAL B 130 -7.70 24.13 2.75
C VAL B 130 -7.05 22.85 2.24
N GLU B 131 -7.76 22.15 1.36
CA GLU B 131 -7.22 20.95 0.74
C GLU B 131 -6.69 21.32 -0.64
N LEU B 132 -6.15 20.30 -1.34
CA LEU B 132 -5.50 20.40 -2.65
C LEU B 132 -4.29 21.32 -2.86
N LEU B 133 -3.21 20.98 -2.21
CA LEU B 133 -1.94 21.61 -2.49
C LEU B 133 -1.08 20.96 -3.58
N PRO B 134 -0.40 21.74 -4.41
CA PRO B 134 0.28 21.17 -5.58
C PRO B 134 1.67 20.58 -5.31
N LYS B 135 1.90 20.02 -4.11
CA LYS B 135 3.10 19.26 -3.72
C LYS B 135 4.38 20.11 -3.80
N ASN B 136 4.20 21.42 -3.62
CA ASN B 136 5.30 22.37 -3.56
C ASN B 136 5.15 23.25 -2.34
N VAL B 137 4.78 22.66 -1.20
CA VAL B 137 4.24 23.43 -0.10
C VAL B 137 5.35 24.16 0.62
N ASN B 138 5.19 25.48 0.72
CA ASN B 138 6.09 26.29 1.52
C ASN B 138 5.20 27.13 2.41
N HIS B 139 5.74 27.46 3.58
CA HIS B 139 5.13 28.48 4.42
C HIS B 139 5.08 29.81 3.69
N SER B 140 6.14 30.14 2.95
CA SER B 140 6.16 31.36 2.15
C SER B 140 5.19 31.28 0.99
N TRP B 141 4.92 30.08 0.47
CA TRP B 141 3.92 29.92 -0.58
C TRP B 141 2.52 30.21 -0.05
N ILE B 142 2.25 29.80 1.19
CA ILE B 142 0.98 30.06 1.83
C ILE B 142 0.83 31.53 2.19
N GLU B 143 1.93 32.18 2.59
CA GLU B 143 1.88 33.62 2.83
C GLU B 143 1.74 34.41 1.55
N ARG B 144 2.29 33.88 0.44
CA ARG B 144 2.19 34.57 -0.83
C ARG B 144 0.78 34.46 -1.41
N VAL B 145 0.08 33.37 -1.13
CA VAL B 145 -1.30 33.32 -1.61
C VAL B 145 -2.29 33.91 -0.62
N PHE B 146 -1.96 34.01 0.67
CA PHE B 146 -2.95 34.33 1.67
C PHE B 146 -2.69 35.62 2.44
N GLY B 147 -1.56 36.28 2.21
CA GLY B 147 -1.33 37.57 2.84
C GLY B 147 -2.18 38.67 2.24
N LYS B 148 -2.64 38.46 0.99
CA LYS B 148 -3.40 39.46 0.26
C LYS B 148 -4.76 39.73 0.87
N CYS B 149 -5.36 38.73 1.50
CA CYS B 149 -6.70 38.90 2.02
C CYS B 149 -6.69 39.05 3.53
N GLY B 150 -5.64 38.56 4.20
CA GLY B 150 -5.59 38.71 5.64
C GLY B 150 -4.17 38.69 6.13
N ASN B 151 -4.02 38.99 7.41
CA ASN B 151 -2.72 38.96 8.07
C ASN B 151 -2.50 37.55 8.63
N VAL B 152 -1.59 36.81 8.01
CA VAL B 152 -1.45 35.39 8.29
C VAL B 152 -0.61 35.21 9.55
N VAL B 153 -1.09 34.39 10.48
CA VAL B 153 -0.49 34.29 11.80
C VAL B 153 0.16 32.93 12.02
N TYR B 154 -0.47 31.85 11.57
CA TYR B 154 0.08 30.52 11.80
C TYR B 154 -0.28 29.59 10.67
N ILE B 155 0.59 28.62 10.41
CA ILE B 155 0.43 27.62 9.38
C ILE B 155 0.70 26.27 10.00
N SER B 156 -0.14 25.28 9.72
CA SER B 156 0.20 23.89 10.00
C SER B 156 0.19 23.09 8.71
N ILE B 157 1.28 22.37 8.48
CA ILE B 157 1.55 21.60 7.28
C ILE B 157 2.06 20.22 7.72
N PRO B 158 1.51 19.12 7.21
CA PRO B 158 1.93 17.79 7.69
C PRO B 158 2.88 17.07 6.74
N HIS B 159 3.96 16.56 7.29
CA HIS B 159 4.96 15.84 6.52
C HIS B 159 4.78 14.34 6.68
N TYR B 160 4.93 13.61 5.57
CA TYR B 160 4.69 12.18 5.58
C TYR B 160 5.79 11.40 6.28
N LYS B 161 5.75 11.33 7.61
CA LYS B 161 6.52 10.40 8.45
C LYS B 161 8.03 10.59 8.30
N SER B 162 8.44 11.86 8.37
CA SER B 162 9.83 12.33 8.26
C SER B 162 10.51 11.92 6.94
N THR B 163 9.72 11.77 5.88
CA THR B 163 10.23 11.55 4.53
C THR B 163 10.14 12.86 3.74
N GLY B 164 9.70 13.92 4.39
CA GLY B 164 9.77 15.26 3.82
C GLY B 164 8.83 15.53 2.67
N ASP B 165 7.65 14.94 2.71
CA ASP B 165 6.72 15.12 1.63
C ASP B 165 5.46 15.80 2.17
N PRO B 166 5.00 16.87 1.53
CA PRO B 166 3.75 17.49 1.97
C PRO B 166 2.55 16.64 1.60
N LYS B 167 1.56 16.62 2.47
CA LYS B 167 0.41 15.75 2.24
C LYS B 167 -0.57 16.33 1.23
N GLY B 168 -0.77 17.64 1.23
CA GLY B 168 -1.64 18.24 0.23
C GLY B 168 -2.73 19.13 0.78
N PHE B 169 -2.58 19.53 2.03
CA PHE B 169 -3.60 20.32 2.70
C PHE B 169 -2.96 21.11 3.84
N ALA B 170 -3.61 22.20 4.22
CA ALA B 170 -3.02 23.18 5.11
C ALA B 170 -4.05 23.68 6.09
N PHE B 171 -3.55 24.11 7.24
CA PHE B 171 -4.35 24.76 8.26
C PHE B 171 -3.85 26.17 8.45
N VAL B 172 -4.64 27.17 8.05
CA VAL B 172 -4.24 28.57 8.08
C VAL B 172 -4.97 29.25 9.22
N GLU B 173 -4.24 30.03 10.01
CA GLU B 173 -4.81 30.82 11.07
C GLU B 173 -4.90 32.27 10.61
N PHE B 174 -6.11 32.75 10.40
CA PHE B 174 -6.28 34.17 10.20
C PHE B 174 -6.74 34.81 11.51
N GLU B 175 -6.83 36.13 11.51
CA GLU B 175 -7.12 36.82 12.75
C GLU B 175 -8.44 37.57 12.68
N THR B 176 -9.17 37.52 13.80
CA THR B 176 -10.42 38.25 14.10
C THR B 176 -11.55 37.98 13.12
N LYS B 177 -11.78 36.71 12.77
CA LYS B 177 -12.99 36.18 12.12
C LYS B 177 -13.22 36.70 10.70
N GLU B 178 -13.41 38.00 10.52
CA GLU B 178 -13.97 38.58 9.31
C GLU B 178 -12.98 38.56 8.17
N GLN B 179 -11.69 38.53 8.50
CA GLN B 179 -10.68 38.28 7.50
C GLN B 179 -10.82 36.88 6.92
N ALA B 180 -11.05 35.90 7.78
CA ALA B 180 -11.18 34.53 7.33
C ALA B 180 -12.48 34.31 6.59
N ALA B 181 -13.55 34.95 7.07
CA ALA B 181 -14.83 34.85 6.38
C ALA B 181 -14.82 35.62 5.07
N LYS B 182 -13.97 36.64 4.98
CA LYS B 182 -13.74 37.26 3.67
C LYS B 182 -12.99 36.31 2.76
N ALA B 183 -12.00 35.61 3.31
CA ALA B 183 -11.10 34.80 2.50
C ALA B 183 -11.76 33.53 1.98
N ILE B 184 -12.67 32.96 2.78
CA ILE B 184 -13.45 31.79 2.34
C ILE B 184 -14.39 32.18 1.22
N GLU B 185 -14.93 33.41 1.29
CA GLU B 185 -15.71 33.93 0.18
C GLU B 185 -14.82 34.23 -1.03
N PHE B 186 -13.55 34.54 -0.80
CA PHE B 186 -12.66 34.83 -1.92
C PHE B 186 -12.32 33.57 -2.71
N LEU B 187 -12.29 32.41 -2.03
CA LEU B 187 -12.24 31.11 -2.70
C LEU B 187 -12.79 30.00 -1.82
N LEU B 274 -8.28 23.47 -4.59
CA LEU B 274 -8.25 24.67 -3.76
C LEU B 274 -9.57 24.85 -3.04
N ARG B 275 -10.12 23.74 -2.54
CA ARG B 275 -11.26 23.82 -1.66
C ARG B 275 -10.87 24.54 -0.38
N VAL B 276 -11.71 25.47 0.03
CA VAL B 276 -11.46 26.31 1.18
C VAL B 276 -12.70 26.25 2.05
N LEU B 277 -12.55 25.80 3.29
CA LEU B 277 -13.73 25.77 4.16
C LEU B 277 -13.31 26.00 5.60
N SER B 278 -14.29 26.14 6.47
CA SER B 278 -14.03 26.55 7.84
C SER B 278 -13.60 25.36 8.67
N LYS B 279 -12.97 25.65 9.80
CA LYS B 279 -12.55 24.60 10.72
C LYS B 279 -13.74 23.99 11.43
N SER B 280 -14.78 24.80 11.66
CA SER B 280 -16.02 24.30 12.25
C SER B 280 -16.72 23.34 11.32
N GLU B 281 -16.73 23.67 10.02
CA GLU B 281 -17.30 22.79 9.01
C GLU B 281 -16.50 21.51 8.88
N TRP B 282 -15.18 21.63 8.99
CA TRP B 282 -14.29 20.47 8.93
C TRP B 282 -14.49 19.56 10.12
N MET B 283 -14.68 20.14 11.31
CA MET B 283 -14.86 19.33 12.51
C MET B 283 -16.22 18.63 12.52
N ASP B 284 -17.26 19.31 12.03
CA ASP B 284 -18.56 18.67 11.92
C ASP B 284 -18.57 17.58 10.86
N LEU B 285 -17.83 17.81 9.76
CA LEU B 285 -17.67 16.82 8.72
C LEU B 285 -16.93 15.58 9.22
N LYS B 286 -15.95 15.78 10.09
CA LYS B 286 -15.25 14.68 10.72
C LYS B 286 -16.16 13.89 11.65
N LYS B 287 -17.02 14.60 12.38
CA LYS B 287 -17.95 13.94 13.30
C LYS B 287 -18.97 13.10 12.56
N GLU B 288 -19.48 13.62 11.44
CA GLU B 288 -20.45 12.90 10.63
C GLU B 288 -19.82 11.69 9.94
N TYR B 289 -18.58 11.85 9.49
CA TYR B 289 -17.85 10.77 8.81
C TYR B 289 -17.58 9.61 9.76
N LEU B 290 -17.17 9.92 10.99
CA LEU B 290 -16.92 8.84 11.93
C LEU B 290 -18.21 8.18 12.41
N ALA B 291 -19.30 8.95 12.46
CA ALA B 291 -20.59 8.35 12.82
C ALA B 291 -21.07 7.38 11.74
N LEU B 292 -20.87 7.72 10.48
CA LEU B 292 -21.34 6.83 9.42
C LEU B 292 -20.45 5.61 9.28
N GLN B 293 -19.15 5.77 9.52
CA GLN B 293 -18.27 4.61 9.52
C GLN B 293 -18.54 3.70 10.69
N LYS B 294 -18.88 4.26 11.85
CA LYS B 294 -19.25 3.43 12.98
C LYS B 294 -20.56 2.70 12.76
N ALA B 295 -21.49 3.33 12.03
CA ALA B 295 -22.76 2.67 11.70
C ALA B 295 -22.56 1.50 10.74
N SER B 296 -21.71 1.68 9.72
CA SER B 296 -21.47 0.61 8.77
C SER B 296 -20.70 -0.55 9.39
N MET B 297 -19.74 -0.25 10.27
CA MET B 297 -19.01 -1.32 10.94
C MET B 297 -19.86 -2.01 11.99
N ALA B 298 -20.83 -1.31 12.57
CA ALA B 298 -21.79 -1.95 13.47
C ALA B 298 -22.66 -2.94 12.72
N SER B 299 -23.12 -2.56 11.53
CA SER B 299 -23.95 -3.46 10.73
C SER B 299 -23.16 -4.66 10.24
N LEU B 300 -21.88 -4.46 9.93
CA LEU B 300 -21.09 -5.60 9.46
C LEU B 300 -20.70 -6.52 10.62
N LYS B 301 -20.50 -5.97 11.82
CA LYS B 301 -20.28 -6.80 13.00
C LYS B 301 -21.53 -7.58 13.35
N LYS B 302 -22.71 -7.01 13.10
CA LYS B 302 -23.95 -7.76 13.21
C LYS B 302 -24.02 -8.88 12.19
N THR B 303 -23.49 -8.64 10.98
CA THR B 303 -23.52 -9.66 9.93
C THR B 303 -22.59 -10.82 10.28
N ILE B 304 -21.43 -10.53 10.86
CA ILE B 304 -20.50 -11.57 11.26
C ILE B 304 -21.05 -12.33 12.46
N SER B 305 -21.76 -11.63 13.36
CA SER B 305 -22.43 -12.28 14.48
C SER B 305 -23.54 -13.22 14.02
N GLN B 306 -24.28 -12.82 12.99
CA GLN B 306 -25.36 -13.62 12.45
C GLN B 306 -24.83 -14.86 11.73
N ILE B 307 -23.75 -14.70 10.95
CA ILE B 307 -23.23 -15.85 10.21
C ILE B 307 -22.45 -16.79 11.14
N LYS B 308 -21.92 -16.26 12.25
CA LYS B 308 -21.32 -17.12 13.26
C LYS B 308 -22.38 -17.88 14.02
N SER B 309 -23.52 -17.23 14.28
CA SER B 309 -24.66 -17.90 14.92
C SER B 309 -25.29 -18.94 14.00
N GLU B 310 -25.16 -18.75 12.69
CA GLU B 310 -25.63 -19.77 11.76
C GLU B 310 -24.73 -21.01 11.79
N SER B 311 -23.43 -20.81 11.81
CA SER B 311 -22.51 -21.94 11.84
C SER B 311 -21.94 -22.15 13.24
N THR B 345 6.57 -27.15 28.82
CA THR B 345 7.98 -26.80 28.83
C THR B 345 8.51 -26.66 27.41
N GLY B 346 7.60 -26.75 26.44
CA GLY B 346 7.98 -26.62 25.06
C GLY B 346 8.45 -27.94 24.50
N PRO B 347 9.19 -27.89 23.39
CA PRO B 347 9.59 -29.13 22.72
C PRO B 347 10.73 -29.85 23.42
N GLN B 348 10.64 -31.17 23.43
CA GLN B 348 11.57 -32.00 24.19
C GLN B 348 12.61 -32.66 23.29
N PHE B 349 13.68 -33.14 23.92
CA PHE B 349 14.89 -33.59 23.24
C PHE B 349 14.70 -34.95 22.56
N VAL B 350 14.92 -34.98 21.23
CA VAL B 350 15.14 -36.23 20.49
C VAL B 350 16.46 -36.08 19.73
N SER B 351 17.29 -37.10 19.77
CA SER B 351 18.59 -37.03 19.09
C SER B 351 18.45 -37.19 17.59
N GLY B 352 19.15 -36.34 16.84
CA GLY B 352 19.31 -36.55 15.41
C GLY B 352 18.13 -36.16 14.56
N VAL B 353 17.25 -35.29 15.05
CA VAL B 353 16.07 -34.93 14.30
C VAL B 353 16.21 -33.59 13.61
N ILE B 354 17.37 -32.95 13.72
CA ILE B 354 17.54 -31.58 13.26
C ILE B 354 18.34 -31.64 11.97
N VAL B 355 17.80 -31.08 10.90
CA VAL B 355 18.46 -31.02 9.61
C VAL B 355 18.83 -29.60 9.31
N LYS B 356 20.12 -29.32 9.24
CA LYS B 356 20.62 -28.06 8.76
C LYS B 356 20.75 -28.15 7.25
N ILE B 357 20.14 -27.19 6.55
CA ILE B 357 20.28 -27.10 5.11
C ILE B 357 20.95 -25.78 4.78
N ILE B 358 22.15 -25.86 4.24
CA ILE B 358 22.89 -24.70 3.76
C ILE B 358 22.59 -24.59 2.27
N SER B 359 22.52 -23.37 1.78
CA SER B 359 22.46 -23.15 0.35
C SER B 359 23.53 -22.15 -0.05
N THR B 360 23.98 -22.26 -1.29
CA THR B 360 24.79 -21.20 -1.87
C THR B 360 23.90 -20.11 -2.46
N GLU B 361 22.75 -20.50 -3.01
CA GLU B 361 21.78 -19.55 -3.51
C GLU B 361 21.07 -18.88 -2.33
N PRO B 362 20.68 -17.61 -2.48
CA PRO B 362 19.83 -16.99 -1.46
C PRO B 362 18.43 -17.59 -1.46
N LEU B 363 17.95 -17.92 -0.27
CA LEU B 363 16.78 -18.77 -0.15
C LEU B 363 15.48 -17.97 -0.35
N PRO B 364 14.46 -18.62 -0.91
CA PRO B 364 13.14 -17.98 -1.01
C PRO B 364 12.39 -17.91 0.32
N GLY B 365 11.09 -17.70 0.21
CA GLY B 365 10.26 -17.53 1.40
C GLY B 365 10.04 -18.84 2.15
N ARG B 366 9.81 -18.70 3.46
CA ARG B 366 9.81 -19.85 4.35
C ARG B 366 8.52 -20.67 4.23
N LYS B 367 7.48 -20.09 3.62
CA LYS B 367 6.27 -20.85 3.36
C LYS B 367 6.51 -21.89 2.27
N GLN B 368 7.27 -21.51 1.24
CA GLN B 368 7.66 -22.46 0.20
C GLN B 368 8.58 -23.54 0.75
N VAL B 369 9.46 -23.18 1.69
CA VAL B 369 10.38 -24.15 2.29
C VAL B 369 9.63 -25.10 3.21
N ARG B 370 8.66 -24.57 3.96
CA ARG B 370 7.80 -25.38 4.83
C ARG B 370 6.97 -26.35 4.01
N ASP B 371 6.47 -25.90 2.85
CA ASP B 371 5.74 -26.79 1.97
C ASP B 371 6.67 -27.78 1.29
N THR B 372 7.93 -27.42 1.08
CA THR B 372 8.84 -28.31 0.37
C THR B 372 9.27 -29.46 1.28
N LEU B 373 9.70 -29.14 2.50
CA LEU B 373 10.08 -30.20 3.41
C LEU B 373 8.88 -30.91 4.00
N ALA B 374 7.71 -30.25 4.02
CA ALA B 374 6.54 -30.88 4.58
C ALA B 374 5.87 -31.84 3.61
N ALA B 375 6.06 -31.65 2.30
CA ALA B 375 5.43 -32.54 1.34
C ALA B 375 6.10 -33.90 1.24
N ILE B 376 7.33 -34.02 1.73
CA ILE B 376 8.05 -35.27 1.76
C ILE B 376 7.81 -36.02 3.06
N SER B 377 8.07 -35.37 4.19
CA SER B 377 7.75 -35.98 5.48
C SER B 377 7.60 -34.93 6.56
N GLU B 378 7.42 -35.38 7.80
CA GLU B 378 6.86 -34.56 8.87
C GLU B 378 7.75 -33.49 9.49
N VAL B 379 7.46 -32.24 9.17
CA VAL B 379 8.15 -31.08 9.72
C VAL B 379 7.51 -30.69 11.03
N LEU B 380 8.33 -30.56 12.07
CA LEU B 380 7.86 -29.79 13.21
C LEU B 380 8.17 -28.31 13.06
N TYR B 381 9.39 -27.96 12.64
CA TYR B 381 9.79 -26.55 12.57
C TYR B 381 10.60 -26.29 11.31
N VAL B 382 10.34 -25.17 10.65
CA VAL B 382 11.22 -24.63 9.62
C VAL B 382 11.77 -23.32 10.16
N ASP B 383 13.09 -23.29 10.40
CA ASP B 383 13.77 -22.15 10.99
C ASP B 383 14.51 -21.40 9.91
N LEU B 384 14.01 -20.22 9.57
CA LEU B 384 14.60 -19.39 8.55
C LEU B 384 14.20 -17.95 8.79
N LEU B 385 15.19 -17.09 9.01
CA LEU B 385 14.98 -15.65 8.92
C LEU B 385 15.04 -15.26 7.45
N GLU B 386 14.21 -14.29 7.07
CA GLU B 386 14.01 -13.95 5.66
C GLU B 386 15.24 -13.25 5.10
N GLY B 387 15.96 -13.95 4.23
CA GLY B 387 17.18 -13.45 3.65
C GLY B 387 18.40 -14.30 3.94
N ASP B 388 18.31 -15.25 4.87
CA ASP B 388 19.42 -16.14 5.10
C ASP B 388 19.44 -17.23 4.04
N THR B 389 20.64 -17.70 3.73
CA THR B 389 20.80 -18.81 2.81
C THR B 389 21.03 -20.13 3.52
N GLU B 390 21.15 -20.12 4.84
CA GLU B 390 21.24 -21.33 5.63
C GLU B 390 20.06 -21.38 6.59
N CYS B 391 19.53 -22.58 6.79
CA CYS B 391 18.27 -22.73 7.50
C CYS B 391 18.28 -24.05 8.23
N HIS B 392 17.28 -24.25 9.06
CA HIS B 392 17.15 -25.53 9.74
C HIS B 392 15.73 -26.04 9.63
N ALA B 393 15.57 -27.32 9.96
CA ALA B 393 14.27 -27.90 10.19
C ALA B 393 14.39 -28.88 11.35
N ARG B 394 13.40 -28.87 12.22
CA ARG B 394 13.28 -29.90 13.24
C ARG B 394 12.18 -30.86 12.83
N PHE B 395 12.51 -32.14 12.81
CA PHE B 395 11.62 -33.22 12.42
C PHE B 395 11.13 -33.97 13.65
N LYS B 396 10.14 -34.83 13.43
CA LYS B 396 9.57 -35.60 14.54
C LYS B 396 10.48 -36.76 14.92
N THR B 397 10.89 -37.56 13.93
CA THR B 397 11.60 -38.81 14.18
C THR B 397 12.98 -38.79 13.55
N PRO B 398 13.90 -39.63 14.03
CA PRO B 398 15.10 -39.93 13.24
C PRO B 398 14.78 -40.66 11.95
N GLU B 399 13.65 -41.36 11.87
CA GLU B 399 13.16 -41.90 10.61
C GLU B 399 12.81 -40.79 9.62
N ASP B 400 12.24 -39.67 10.11
CA ASP B 400 11.98 -38.52 9.25
C ASP B 400 13.27 -37.93 8.71
N ALA B 401 14.28 -37.84 9.58
CA ALA B 401 15.59 -37.31 9.21
C ALA B 401 16.28 -38.20 8.19
N GLN B 402 16.26 -39.52 8.44
CA GLN B 402 16.87 -40.49 7.55
C GLN B 402 16.14 -40.55 6.22
N ALA B 403 14.83 -40.29 6.21
CA ALA B 403 14.10 -40.23 4.95
C ALA B 403 14.45 -38.99 4.15
N VAL B 404 14.63 -37.85 4.81
CA VAL B 404 14.84 -36.61 4.07
C VAL B 404 16.28 -36.50 3.59
N ILE B 405 17.23 -37.07 4.34
CA ILE B 405 18.60 -37.09 3.81
C ILE B 405 18.76 -38.12 2.70
N ASN B 406 17.86 -39.09 2.61
CA ASN B 406 17.83 -40.00 1.48
C ASN B 406 16.94 -39.50 0.36
N ALA B 407 16.35 -38.31 0.50
CA ALA B 407 15.69 -37.64 -0.62
C ALA B 407 16.75 -36.85 -1.38
N TYR B 408 17.56 -37.59 -2.12
CA TYR B 408 18.67 -36.96 -2.83
C TYR B 408 18.20 -36.32 -4.13
N THR B 409 17.17 -36.88 -4.75
CA THR B 409 16.78 -36.48 -6.10
C THR B 409 16.05 -35.14 -6.10
N GLU B 410 14.93 -35.07 -5.39
CA GLU B 410 14.10 -33.88 -5.43
C GLU B 410 14.66 -32.72 -4.63
N ILE B 411 15.63 -32.97 -3.74
CA ILE B 411 16.25 -31.87 -3.00
C ILE B 411 17.50 -31.40 -3.74
N ASN B 412 18.50 -32.28 -3.84
CA ASN B 412 19.84 -31.85 -4.22
C ASN B 412 20.00 -31.62 -5.72
N LYS B 413 19.21 -32.29 -6.56
CA LYS B 413 19.34 -32.09 -8.00
C LYS B 413 18.47 -30.96 -8.52
N LYS B 414 17.36 -30.68 -7.84
CA LYS B 414 16.57 -29.53 -8.23
C LYS B 414 17.23 -28.24 -7.78
N HIS B 415 17.77 -28.22 -6.56
CA HIS B 415 18.39 -27.05 -5.98
C HIS B 415 19.71 -27.43 -5.32
N CYS B 416 20.71 -26.57 -5.47
CA CYS B 416 22.05 -26.79 -4.92
C CYS B 416 22.03 -26.61 -3.41
N TRP B 417 21.56 -27.63 -2.70
CA TRP B 417 21.34 -27.54 -1.27
C TRP B 417 22.10 -28.64 -0.54
N LYS B 418 22.71 -28.28 0.59
CA LYS B 418 23.41 -29.21 1.46
C LYS B 418 22.51 -29.51 2.64
N LEU B 419 21.89 -30.68 2.62
CA LEU B 419 20.94 -31.10 3.63
C LEU B 419 21.61 -32.15 4.50
N GLU B 420 21.93 -31.78 5.74
CA GLU B 420 22.72 -32.65 6.58
C GLU B 420 22.22 -32.59 8.00
N ILE B 421 22.73 -33.50 8.82
CA ILE B 421 22.31 -33.65 10.21
C ILE B 421 23.36 -33.00 11.09
N LEU B 422 22.94 -32.15 12.01
CA LEU B 422 23.89 -31.65 12.99
C LEU B 422 24.14 -32.69 14.07
N SER B 423 25.42 -32.92 14.35
CA SER B 423 25.81 -33.85 15.40
C SER B 423 27.03 -33.27 16.11
N GLY B 424 27.45 -33.94 17.16
CA GLY B 424 28.46 -33.38 18.04
C GLY B 424 27.78 -32.48 19.05
N ASP B 425 28.44 -31.40 19.45
CA ASP B 425 27.79 -30.44 20.33
C ASP B 425 27.10 -29.34 19.54
N HIS B 426 27.13 -29.43 18.21
CA HIS B 426 26.31 -28.59 17.37
C HIS B 426 24.84 -28.83 17.65
N GLU B 427 24.46 -30.11 17.80
CA GLU B 427 23.11 -30.48 18.19
C GLU B 427 22.77 -29.98 19.58
N GLN B 428 23.73 -30.07 20.50
CA GLN B 428 23.52 -29.67 21.90
C GLN B 428 23.32 -28.16 22.03
N ARG B 429 24.16 -27.40 21.33
CA ARG B 429 24.00 -25.95 21.29
C ARG B 429 22.76 -25.54 20.51
N TYR B 430 22.33 -26.35 19.54
CA TYR B 430 21.12 -26.01 18.82
C TYR B 430 19.87 -26.25 19.67
N TRP B 431 19.90 -27.28 20.52
CA TRP B 431 18.81 -27.46 21.48
C TRP B 431 18.81 -26.35 22.53
N GLN B 432 20.00 -25.85 22.89
CA GLN B 432 20.09 -24.67 23.74
C GLN B 432 19.50 -23.43 23.08
N LYS B 433 19.76 -23.27 21.78
CA LYS B 433 19.22 -22.13 21.03
C LYS B 433 17.71 -22.24 20.90
N ILE B 434 17.20 -23.47 20.78
CA ILE B 434 15.75 -23.70 20.71
C ILE B 434 15.07 -23.33 22.02
N LEU B 435 15.68 -23.72 23.16
CA LEU B 435 15.10 -23.41 24.46
C LEU B 435 15.18 -21.92 24.77
N VAL B 436 16.25 -21.27 24.33
CA VAL B 436 16.42 -19.84 24.53
C VAL B 436 15.43 -19.05 23.67
N ASP B 437 15.20 -19.49 22.43
CA ASP B 437 14.21 -18.85 21.56
C ASP B 437 12.80 -19.08 22.05
N ARG B 438 12.56 -20.21 22.70
CA ARG B 438 11.26 -20.48 23.32
C ARG B 438 11.01 -19.54 24.48
N GLN B 439 12.01 -19.32 25.34
CA GLN B 439 11.85 -18.40 26.46
C GLN B 439 11.73 -16.96 25.98
N ALA B 440 12.36 -16.64 24.86
CA ALA B 440 12.25 -15.30 24.31
C ALA B 440 10.89 -15.05 23.70
N LYS B 441 10.32 -16.07 23.06
CA LYS B 441 8.98 -15.92 22.47
C LYS B 441 7.92 -15.86 23.55
N LEU B 442 8.10 -16.67 24.61
CA LEU B 442 7.14 -16.71 25.70
C LEU B 442 7.20 -15.42 26.53
N ASN B 443 8.39 -14.82 26.65
CA ASN B 443 8.50 -13.58 27.41
C ASN B 443 8.22 -12.36 26.54
N GLN B 444 7.86 -12.55 25.29
CA GLN B 444 7.61 -11.42 24.40
C GLN B 444 6.23 -10.84 24.70
N PRO B 445 6.09 -9.52 24.77
CA PRO B 445 4.77 -8.92 24.95
C PRO B 445 4.00 -8.96 23.65
N ARG B 446 2.68 -8.82 23.77
CA ARG B 446 1.79 -9.13 22.65
C ARG B 446 1.83 -8.04 21.59
N GLU B 447 1.69 -8.46 20.35
CA GLU B 447 1.69 -7.53 19.25
C GLU B 447 0.38 -6.78 19.20
N LYS B 448 0.39 -5.69 18.47
CA LYS B 448 -0.74 -4.78 18.41
C LYS B 448 -1.45 -4.95 17.08
N LYS B 449 -2.77 -5.05 17.11
CA LYS B 449 -3.50 -5.05 15.87
C LYS B 449 -4.79 -4.27 16.00
N ARG B 450 -4.97 -3.32 15.09
CA ARG B 450 -6.09 -2.40 15.13
C ARG B 450 -7.38 -3.08 14.70
N GLY B 451 -8.50 -2.44 15.01
CA GLY B 451 -9.77 -3.10 14.82
C GLY B 451 -10.21 -3.17 13.37
N THR B 452 -9.93 -2.12 12.60
CA THR B 452 -10.41 -2.13 11.21
C THR B 452 -9.57 -3.04 10.33
N GLU B 453 -8.31 -3.29 10.69
CA GLU B 453 -7.50 -4.20 9.91
C GLU B 453 -7.85 -5.64 10.19
N LYS B 454 -8.07 -6.00 11.45
CA LYS B 454 -8.48 -7.35 11.81
C LYS B 454 -9.87 -7.64 11.28
N LEU B 455 -10.75 -6.63 11.30
CA LEU B 455 -12.09 -6.82 10.80
C LEU B 455 -12.12 -6.89 9.28
N ILE B 456 -11.25 -6.14 8.60
CA ILE B 456 -11.25 -6.21 7.15
C ILE B 456 -10.60 -7.51 6.70
N THR B 457 -9.69 -8.07 7.52
CA THR B 457 -9.09 -9.36 7.24
C THR B 457 -10.11 -10.48 7.32
N LYS B 458 -10.83 -10.51 8.44
CA LYS B 458 -11.84 -11.53 8.68
C LYS B 458 -12.99 -11.40 7.70
N ALA B 459 -13.34 -10.16 7.32
CA ALA B 459 -14.43 -9.93 6.38
C ALA B 459 -14.06 -10.36 4.98
N GLU B 460 -12.79 -10.20 4.60
CA GLU B 460 -12.42 -10.64 3.27
C GLU B 460 -12.27 -12.16 3.21
N LYS B 461 -11.82 -12.78 4.31
CA LYS B 461 -11.73 -14.24 4.34
C LYS B 461 -13.11 -14.89 4.30
N ILE B 462 -14.09 -14.26 4.97
CA ILE B 462 -15.43 -14.83 4.91
C ILE B 462 -16.07 -14.52 3.55
N ARG B 463 -15.70 -13.42 2.90
CA ARG B 463 -16.26 -13.15 1.57
C ARG B 463 -15.66 -14.09 0.53
N LEU B 464 -14.41 -14.48 0.74
CA LEU B 464 -13.75 -15.43 -0.14
C LEU B 464 -14.35 -16.81 0.00
N ALA B 465 -14.54 -17.27 1.24
CA ALA B 465 -15.10 -18.60 1.46
C ALA B 465 -16.57 -18.67 1.07
N LYS B 466 -17.33 -17.59 1.26
CA LYS B 466 -18.72 -17.63 0.84
C LYS B 466 -18.88 -17.43 -0.66
N THR B 467 -17.95 -16.77 -1.33
CA THR B 467 -18.09 -16.60 -2.77
C THR B 467 -17.68 -17.87 -3.49
N GLN B 468 -16.65 -18.56 -2.98
CA GLN B 468 -16.15 -19.74 -3.66
C GLN B 468 -17.07 -20.94 -3.47
N GLN B 469 -17.94 -20.90 -2.48
CA GLN B 469 -19.01 -21.86 -2.36
C GLN B 469 -20.34 -21.13 -2.34
N SAH D . -2.73 -2.31 -15.97
CA SAH D . -2.98 -2.73 -14.59
CB SAH D . -1.76 -3.45 -14.05
CG SAH D . -0.91 -4.17 -15.08
SD SAH D . 0.69 -4.67 -14.39
C SAH D . -3.35 -1.56 -13.68
O SAH D . -3.46 -1.71 -12.46
OXT SAH D . -3.56 -0.44 -14.14
C5' SAH D . 0.32 -6.43 -14.55
C4' SAH D . 0.24 -7.12 -13.19
O4' SAH D . 0.16 -8.53 -13.29
C3' SAH D . 1.45 -6.85 -12.32
O3' SAH D . 1.25 -5.70 -11.53
C2' SAH D . 1.53 -8.08 -11.44
O2' SAH D . 1.12 -7.76 -10.14
C1' SAH D . 0.55 -9.07 -12.05
N9 SAH D . 1.28 -10.33 -12.20
C8 SAH D . 2.46 -10.48 -12.85
N7 SAH D . 2.83 -11.78 -12.78
C5 SAH D . 1.93 -12.45 -12.05
C6 SAH D . 1.83 -13.77 -11.66
N6 SAH D . 2.77 -14.65 -12.01
N1 SAH D . 0.78 -14.20 -10.91
C2 SAH D . -0.19 -13.29 -10.55
N3 SAH D . -0.09 -11.97 -10.93
C4 SAH D . 0.94 -11.56 -11.68
#